data_1XK9
#
_entry.id   1XK9
#
_cell.length_a   56.040
_cell.length_b   78.680
_cell.length_c   91.690
_cell.angle_alpha   90.00
_cell.angle_beta   90.00
_cell.angle_gamma   90.00
#
_symmetry.space_group_name_H-M   'P 21 21 21'
#
loop_
_entity.id
_entity.type
_entity.pdbx_description
1 polymer 'Exotoxin A'
2 non-polymer N~2~,N~2~-DIMETHYL-N~1~-(6-OXO-5,6-DIHYDROPHENANTHRIDIN-2-YL)GLYCINAMIDE
3 water water
#
_entity_poly.entity_id   1
_entity_poly.type   'polypeptide(L)'
_entity_poly.pdbx_seq_one_letter_code
;EFLGDGGDVSFSTRGTQNWTVERLLQAHRQLEERGYVFVGYHGTFLEAAQSIVFGGVRARSQDLDAIWRGFYIAGDPALA
YGYAQDQEPDARGRIRNGALLRVYVPRSSLPGFYRTSLTLAAPEAAGEVERLIGHPLPLRLDAITGPEEEGGRLETILGW
PLAERTVVIPSAIPTDPRNVGGDLDPSSIPDKEQAISALPDYASQPGKPPREDLK
;
_entity_poly.pdbx_strand_id   A,B
#
loop_
_chem_comp.id
_chem_comp.type
_chem_comp.name
_chem_comp.formula
P34 non-polymer N~2~,N~2~-DIMETHYL-N~1~-(6-OXO-5,6-DIHYDROPHENANTHRIDIN-2-YL)GLYCINAMIDE 'C17 H17 N3 O2'
#
# COMPACT_ATOMS: atom_id res chain seq x y z
N GLU A 1 -8.12 -8.08 -9.21
CA GLU A 1 -7.00 -8.21 -8.24
C GLU A 1 -7.35 -7.51 -6.94
N PHE A 2 -7.69 -8.30 -5.91
CA PHE A 2 -8.06 -7.74 -4.62
C PHE A 2 -6.89 -7.66 -3.64
N LEU A 3 -5.67 -7.61 -4.16
CA LEU A 3 -4.49 -7.53 -3.28
C LEU A 3 -3.97 -6.11 -3.01
N GLY A 4 -4.71 -5.11 -3.48
CA GLY A 4 -4.31 -3.75 -3.26
C GLY A 4 -3.09 -3.46 -4.09
N ASP A 5 -2.33 -2.47 -3.65
CA ASP A 5 -1.13 -2.14 -4.39
C ASP A 5 0.11 -2.19 -3.55
N GLY A 6 1.21 -2.23 -4.28
CA GLY A 6 2.55 -2.34 -3.75
C GLY A 6 3.15 -3.31 -4.77
N GLY A 7 4.23 -4.00 -4.50
CA GLY A 7 4.76 -4.90 -5.52
C GLY A 7 4.13 -6.27 -5.57
N ASP A 8 4.76 -7.14 -6.33
CA ASP A 8 4.33 -8.50 -6.49
C ASP A 8 4.32 -9.24 -5.15
N VAL A 9 3.20 -9.89 -4.84
CA VAL A 9 3.05 -10.65 -3.61
C VAL A 9 3.55 -12.07 -3.79
N SER A 10 4.43 -12.51 -2.90
CA SER A 10 4.99 -13.83 -2.98
C SER A 10 5.13 -14.50 -1.62
N PHE A 11 4.70 -15.74 -1.53
CA PHE A 11 4.82 -16.47 -0.29
C PHE A 11 6.22 -17.05 -0.19
N SER A 12 6.75 -17.08 1.03
CA SER A 12 8.09 -17.60 1.23
C SER A 12 8.34 -17.85 2.71
N THR A 13 9.31 -18.70 3.00
CA THR A 13 9.64 -19.01 4.39
C THR A 13 10.12 -17.75 5.14
N ARG A 14 10.61 -16.74 4.43
CA ARG A 14 11.10 -15.50 5.04
C ARG A 14 9.95 -14.53 5.35
N GLY A 15 8.74 -14.91 4.93
CA GLY A 15 7.60 -14.05 5.18
C GLY A 15 6.98 -13.69 3.85
N THR A 16 5.71 -13.34 3.87
CA THR A 16 4.99 -12.99 2.65
C THR A 16 5.56 -11.69 2.08
N GLN A 17 6.15 -11.79 0.91
CA GLN A 17 6.77 -10.67 0.23
C GLN A 17 5.80 -9.59 -0.26
N ASN A 18 6.17 -8.35 -0.01
CA ASN A 18 5.39 -7.18 -0.38
C ASN A 18 4.02 -7.16 0.27
N TRP A 19 3.94 -7.69 1.49
CA TRP A 19 2.69 -7.70 2.22
C TRP A 19 2.89 -7.09 3.61
N THR A 20 2.20 -5.99 3.86
CA THR A 20 2.28 -5.31 5.13
C THR A 20 0.86 -5.20 5.64
N VAL A 21 0.71 -4.98 6.94
CA VAL A 21 -0.60 -4.85 7.52
C VAL A 21 -1.34 -3.69 6.85
N GLU A 22 -0.59 -2.69 6.39
CA GLU A 22 -1.23 -1.54 5.73
C GLU A 22 -1.82 -1.92 4.38
N ARG A 23 -1.14 -2.78 3.64
CA ARG A 23 -1.63 -3.19 2.34
C ARG A 23 -2.84 -4.08 2.54
N LEU A 24 -2.81 -4.88 3.61
CA LEU A 24 -3.92 -5.77 3.94
C LEU A 24 -5.15 -4.88 4.14
N LEU A 25 -4.97 -3.80 4.89
CA LEU A 25 -6.06 -2.88 5.17
C LEU A 25 -6.69 -2.28 3.93
N GLN A 26 -5.88 -1.99 2.93
CA GLN A 26 -6.39 -1.45 1.68
C GLN A 26 -7.21 -2.56 0.99
N ALA A 27 -6.62 -3.76 0.94
CA ALA A 27 -7.26 -4.92 0.33
C ALA A 27 -8.59 -5.26 1.00
N HIS A 28 -8.58 -5.18 2.32
CA HIS A 28 -9.75 -5.48 3.12
C HIS A 28 -10.85 -4.47 2.81
N ARG A 29 -10.51 -3.20 2.76
CA ARG A 29 -11.51 -2.17 2.47
C ARG A 29 -12.10 -2.37 1.07
N GLN A 30 -11.25 -2.72 0.11
CA GLN A 30 -11.72 -2.95 -1.26
C GLN A 30 -12.71 -4.13 -1.31
N LEU A 31 -12.37 -5.23 -0.64
CA LEU A 31 -13.24 -6.40 -0.59
C LEU A 31 -14.60 -6.07 0.00
N GLU A 32 -14.59 -5.39 1.15
CA GLU A 32 -15.83 -5.01 1.82
C GLU A 32 -16.67 -4.16 0.89
N GLU A 33 -16.02 -3.22 0.19
CA GLU A 33 -16.73 -2.35 -0.74
C GLU A 33 -17.35 -3.15 -1.87
N ARG A 34 -16.73 -4.27 -2.24
CA ARG A 34 -17.24 -5.11 -3.32
C ARG A 34 -18.29 -6.10 -2.82
N GLY A 35 -18.66 -5.97 -1.54
CA GLY A 35 -19.67 -6.84 -0.98
C GLY A 35 -19.17 -8.14 -0.35
N TYR A 36 -17.87 -8.20 -0.07
CA TYR A 36 -17.28 -9.38 0.53
C TYR A 36 -17.11 -9.19 2.03
N VAL A 37 -17.14 -10.31 2.76
CA VAL A 37 -16.99 -10.28 4.20
C VAL A 37 -16.05 -11.38 4.68
N PHE A 38 -15.21 -11.02 5.66
CA PHE A 38 -14.23 -11.92 6.26
C PHE A 38 -14.91 -13.04 7.06
N VAL A 39 -14.51 -14.28 6.84
CA VAL A 39 -15.09 -15.39 7.59
C VAL A 39 -14.06 -16.22 8.34
N GLY A 40 -12.78 -15.85 8.24
CA GLY A 40 -11.79 -16.61 8.97
C GLY A 40 -10.45 -16.78 8.31
N TYR A 41 -9.53 -17.39 9.04
CA TYR A 41 -8.17 -17.64 8.59
C TYR A 41 -8.00 -19.06 8.10
N HIS A 42 -7.07 -19.23 7.17
CA HIS A 42 -6.77 -20.55 6.65
C HIS A 42 -5.26 -20.70 6.63
N GLY A 43 -4.75 -21.70 7.32
CA GLY A 43 -3.31 -21.93 7.36
C GLY A 43 -2.98 -23.06 6.41
N THR A 44 -1.93 -22.92 5.63
CA THR A 44 -1.55 -23.98 4.70
C THR A 44 -0.08 -23.84 4.33
N PHE A 45 0.42 -24.70 3.45
CA PHE A 45 1.82 -24.57 3.07
C PHE A 45 1.96 -23.51 2.00
N LEU A 46 3.16 -22.95 1.87
CA LEU A 46 3.43 -21.86 0.91
C LEU A 46 2.80 -21.97 -0.48
N GLU A 47 3.08 -23.06 -1.18
CA GLU A 47 2.55 -23.24 -2.54
C GLU A 47 1.03 -23.29 -2.61
N ALA A 48 0.38 -23.82 -1.57
CA ALA A 48 -1.07 -23.87 -1.57
C ALA A 48 -1.61 -22.46 -1.30
N ALA A 49 -0.83 -21.66 -0.58
CA ALA A 49 -1.23 -20.27 -0.31
C ALA A 49 -1.19 -19.53 -1.65
N GLN A 50 -0.07 -19.68 -2.35
CA GLN A 50 0.10 -19.04 -3.64
C GLN A 50 -1.06 -19.38 -4.58
N SER A 51 -1.31 -20.68 -4.72
CA SER A 51 -2.38 -21.18 -5.58
C SER A 51 -3.73 -20.61 -5.20
N ILE A 52 -4.03 -20.64 -3.90
CA ILE A 52 -5.30 -20.13 -3.38
C ILE A 52 -5.51 -18.65 -3.62
N VAL A 53 -4.49 -17.84 -3.34
CA VAL A 53 -4.60 -16.40 -3.50
C VAL A 53 -4.70 -15.95 -4.96
N PHE A 54 -3.84 -16.47 -5.82
CA PHE A 54 -3.87 -16.04 -7.21
C PHE A 54 -4.70 -16.89 -8.18
N GLY A 55 -4.94 -18.15 -7.82
CA GLY A 55 -5.72 -19.01 -8.69
C GLY A 55 -7.13 -19.14 -8.16
N GLY A 56 -7.26 -19.06 -6.84
CA GLY A 56 -8.56 -19.20 -6.21
C GLY A 56 -8.64 -20.58 -5.60
N VAL A 57 -9.60 -20.81 -4.71
CA VAL A 57 -9.77 -22.11 -4.08
C VAL A 57 -10.31 -23.07 -5.13
N ARG A 58 -9.80 -24.30 -5.11
CA ARG A 58 -10.23 -25.33 -6.06
C ARG A 58 -10.18 -26.71 -5.44
N ALA A 59 -11.33 -27.36 -5.33
CA ALA A 59 -11.40 -28.71 -4.77
C ALA A 59 -10.60 -29.59 -5.76
N ARG A 60 -10.06 -30.71 -5.30
CA ARG A 60 -9.31 -31.58 -6.21
C ARG A 60 -9.86 -33.02 -6.30
N SER A 61 -10.11 -33.66 -5.15
CA SER A 61 -10.67 -35.03 -5.09
C SER A 61 -11.17 -35.56 -3.73
N GLN A 62 -11.49 -36.86 -3.71
CA GLN A 62 -11.99 -37.62 -2.54
C GLN A 62 -13.51 -37.47 -2.33
N ASP A 63 -14.28 -38.32 -2.99
CA ASP A 63 -15.74 -38.31 -2.93
C ASP A 63 -16.33 -39.42 -2.08
N LEU A 64 -15.61 -40.54 -2.00
CA LEU A 64 -16.05 -41.69 -1.20
C LEU A 64 -15.92 -41.13 0.21
N ASP A 65 -17.05 -40.89 0.85
CA ASP A 65 -17.04 -40.31 2.18
C ASP A 65 -16.35 -38.97 2.08
N ALA A 66 -15.47 -38.72 3.03
CA ALA A 66 -14.80 -37.44 3.15
C ALA A 66 -16.07 -36.63 3.24
N ILE A 67 -17.01 -37.17 4.03
CA ILE A 67 -18.30 -36.55 4.23
C ILE A 67 -18.14 -35.09 4.60
N TRP A 68 -17.14 -34.82 5.43
CA TRP A 68 -16.84 -33.47 5.87
C TRP A 68 -15.84 -32.80 4.94
N ARG A 69 -15.76 -33.25 3.70
CA ARG A 69 -14.80 -32.62 2.80
C ARG A 69 -15.22 -31.19 2.57
N GLY A 70 -14.23 -30.32 2.51
CA GLY A 70 -14.48 -28.92 2.30
C GLY A 70 -13.22 -28.14 2.59
N PHE A 71 -13.37 -26.82 2.72
CA PHE A 71 -12.26 -25.92 2.99
C PHE A 71 -12.32 -25.49 4.45
N TYR A 72 -11.32 -25.90 5.22
CA TYR A 72 -11.30 -25.60 6.65
C TYR A 72 -10.63 -24.29 7.03
N ILE A 73 -11.36 -23.45 7.76
CA ILE A 73 -10.83 -22.16 8.21
C ILE A 73 -11.16 -21.96 9.68
N ALA A 74 -10.72 -20.86 10.26
CA ALA A 74 -10.99 -20.61 11.67
C ALA A 74 -11.02 -19.13 12.03
N GLY A 75 -12.01 -18.73 12.81
CA GLY A 75 -12.12 -17.35 13.24
C GLY A 75 -10.88 -17.00 14.03
N ASP A 76 -10.38 -17.95 14.82
CA ASP A 76 -9.20 -17.75 15.65
C ASP A 76 -7.95 -18.14 14.85
N PRO A 77 -7.10 -17.16 14.53
CA PRO A 77 -5.89 -17.45 13.75
C PRO A 77 -4.96 -18.50 14.38
N ALA A 78 -5.08 -18.70 15.70
CA ALA A 78 -4.23 -19.66 16.40
C ALA A 78 -4.53 -21.09 15.98
N LEU A 79 -5.78 -21.37 15.63
CA LEU A 79 -6.17 -22.70 15.20
C LEU A 79 -5.63 -22.94 13.79
N ALA A 80 -5.90 -21.98 12.89
CA ALA A 80 -5.45 -22.09 11.49
C ALA A 80 -3.93 -22.12 11.39
N TYR A 81 -3.27 -21.42 12.30
CA TYR A 81 -1.82 -21.35 12.32
C TYR A 81 -1.16 -22.72 12.46
N GLY A 82 -1.75 -23.57 13.29
CA GLY A 82 -1.21 -24.90 13.49
C GLY A 82 -1.06 -25.67 12.18
N TYR A 83 -1.83 -25.26 11.19
CA TYR A 83 -1.83 -25.89 9.87
C TYR A 83 -0.97 -25.19 8.83
N ALA A 84 -0.45 -24.00 9.16
CA ALA A 84 0.37 -23.25 8.21
C ALA A 84 1.81 -23.76 8.15
N GLN A 85 1.99 -24.94 7.56
CA GLN A 85 3.33 -25.53 7.44
C GLN A 85 3.25 -26.78 6.57
N ASP A 86 4.40 -27.26 6.12
CA ASP A 86 4.41 -28.48 5.32
C ASP A 86 3.85 -29.59 6.19
N GLN A 87 3.21 -30.56 5.54
CA GLN A 87 2.62 -31.70 6.24
C GLN A 87 3.62 -32.85 6.41
N GLU A 88 4.61 -32.93 5.53
CA GLU A 88 5.65 -33.96 5.59
C GLU A 88 7.01 -33.33 5.19
N PRO A 89 8.13 -33.89 5.67
CA PRO A 89 9.45 -33.35 5.33
C PRO A 89 9.85 -33.73 3.91
N ASP A 90 10.94 -33.14 3.42
CA ASP A 90 11.44 -33.51 2.12
C ASP A 90 12.45 -34.62 2.40
N ALA A 91 13.17 -35.05 1.37
CA ALA A 91 14.16 -36.11 1.54
C ALA A 91 15.24 -35.80 2.59
N ARG A 92 15.44 -34.52 2.88
CA ARG A 92 16.44 -34.11 3.86
C ARG A 92 15.87 -33.76 5.24
N GLY A 93 14.61 -34.10 5.46
CA GLY A 93 13.98 -33.83 6.74
C GLY A 93 13.49 -32.41 7.00
N ARG A 94 13.44 -31.58 5.98
CA ARG A 94 12.98 -30.21 6.19
C ARG A 94 11.47 -30.02 6.10
N ILE A 95 10.92 -29.31 7.09
CA ILE A 95 9.50 -28.98 7.16
C ILE A 95 9.45 -27.45 7.20
N ARG A 96 8.99 -26.84 6.12
CA ARG A 96 8.93 -25.38 6.05
C ARG A 96 7.70 -24.80 6.70
N ASN A 97 7.83 -23.57 7.18
CA ASN A 97 6.70 -22.88 7.75
C ASN A 97 5.84 -22.47 6.55
N GLY A 98 4.53 -22.36 6.76
CA GLY A 98 3.65 -21.98 5.68
C GLY A 98 3.21 -20.54 5.83
N ALA A 99 1.94 -20.28 5.58
CA ALA A 99 1.38 -18.95 5.68
C ALA A 99 -0.07 -18.96 6.12
N LEU A 100 -0.50 -17.85 6.72
CA LEU A 100 -1.89 -17.71 7.16
C LEU A 100 -2.60 -16.88 6.11
N LEU A 101 -3.82 -17.28 5.76
CA LEU A 101 -4.58 -16.55 4.75
C LEU A 101 -5.90 -16.05 5.32
N ARG A 102 -6.41 -14.98 4.73
CA ARG A 102 -7.68 -14.40 5.15
C ARG A 102 -8.71 -14.77 4.09
N VAL A 103 -9.79 -15.40 4.53
CA VAL A 103 -10.84 -15.85 3.62
C VAL A 103 -12.06 -14.94 3.61
N TYR A 104 -12.47 -14.52 2.41
CA TYR A 104 -13.65 -13.67 2.25
C TYR A 104 -14.68 -14.34 1.35
N VAL A 105 -15.96 -14.11 1.63
CA VAL A 105 -17.02 -14.67 0.81
C VAL A 105 -18.01 -13.56 0.52
N PRO A 106 -18.69 -13.63 -0.64
CA PRO A 106 -19.66 -12.61 -0.99
C PRO A 106 -20.72 -12.59 0.11
N ARG A 107 -21.23 -11.42 0.42
CA ARG A 107 -22.25 -11.32 1.46
C ARG A 107 -23.47 -12.15 1.07
N SER A 108 -23.70 -12.30 -0.24
CA SER A 108 -24.84 -13.05 -0.72
C SER A 108 -24.76 -14.55 -0.39
N SER A 109 -23.60 -14.99 0.09
CA SER A 109 -23.39 -16.39 0.46
C SER A 109 -23.67 -16.65 1.93
N LEU A 110 -23.76 -15.58 2.70
CA LEU A 110 -23.98 -15.68 4.14
C LEU A 110 -25.19 -16.50 4.59
N PRO A 111 -26.24 -16.58 3.76
CA PRO A 111 -27.39 -17.37 4.22
C PRO A 111 -27.07 -18.85 4.44
N GLY A 112 -25.95 -19.32 3.86
CA GLY A 112 -25.58 -20.71 4.02
C GLY A 112 -24.70 -21.03 5.21
N PHE A 113 -24.38 -20.02 6.02
CA PHE A 113 -23.55 -20.22 7.19
C PHE A 113 -24.33 -20.61 8.43
N TYR A 114 -23.96 -21.74 9.00
CA TYR A 114 -24.64 -22.23 10.19
C TYR A 114 -23.63 -22.52 11.27
N ARG A 115 -24.09 -22.49 12.51
CA ARG A 115 -23.21 -22.76 13.62
C ARG A 115 -23.94 -23.63 14.61
N THR A 116 -23.19 -24.52 15.25
CA THR A 116 -23.73 -25.43 16.25
C THR A 116 -22.77 -25.50 17.42
N SER A 117 -23.28 -25.86 18.59
CA SER A 117 -22.47 -25.98 19.79
C SER A 117 -21.90 -27.39 19.86
N LEU A 118 -22.44 -28.27 19.03
CA LEU A 118 -22.01 -29.65 19.00
C LEU A 118 -20.64 -29.77 18.35
N THR A 119 -19.75 -30.51 18.99
CA THR A 119 -18.41 -30.70 18.46
C THR A 119 -18.53 -31.49 17.16
N LEU A 120 -17.98 -30.95 16.09
CA LEU A 120 -18.08 -31.60 14.78
C LEU A 120 -17.52 -33.00 14.71
N ALA A 121 -16.55 -33.31 15.55
CA ALA A 121 -15.95 -34.64 15.54
C ALA A 121 -16.88 -35.65 16.20
N ALA A 122 -17.91 -35.17 16.88
CA ALA A 122 -18.85 -36.08 17.54
C ALA A 122 -19.53 -36.95 16.49
N PRO A 123 -19.79 -38.22 16.84
CA PRO A 123 -20.44 -39.16 15.93
C PRO A 123 -21.80 -38.72 15.41
N GLU A 124 -22.62 -38.12 16.28
CA GLU A 124 -23.94 -37.67 15.85
C GLU A 124 -23.96 -36.26 15.27
N ALA A 125 -22.77 -35.66 15.15
CA ALA A 125 -22.66 -34.32 14.60
C ALA A 125 -23.16 -34.26 13.15
N ALA A 126 -22.80 -35.25 12.36
CA ALA A 126 -23.21 -35.30 10.95
C ALA A 126 -24.72 -35.17 10.82
N GLY A 127 -25.45 -35.93 11.63
CA GLY A 127 -26.90 -35.90 11.59
C GLY A 127 -27.46 -34.55 11.98
N GLU A 128 -26.85 -33.92 12.98
CA GLU A 128 -27.28 -32.60 13.46
C GLU A 128 -26.98 -31.50 12.46
N VAL A 129 -25.84 -31.61 11.80
CA VAL A 129 -25.43 -30.62 10.80
C VAL A 129 -26.31 -30.73 9.56
N GLU A 130 -26.67 -31.96 9.21
CA GLU A 130 -27.50 -32.19 8.04
C GLU A 130 -28.88 -31.59 8.27
N ARG A 131 -29.36 -31.69 9.52
CA ARG A 131 -30.66 -31.13 9.88
C ARG A 131 -30.58 -29.61 9.80
N LEU A 132 -29.48 -29.08 10.32
CA LEU A 132 -29.23 -27.65 10.35
C LEU A 132 -29.14 -27.07 8.94
N ILE A 133 -28.38 -27.75 8.08
CA ILE A 133 -28.16 -27.30 6.71
C ILE A 133 -29.28 -27.65 5.72
N GLY A 134 -30.17 -28.56 6.10
CA GLY A 134 -31.27 -28.92 5.22
C GLY A 134 -30.98 -29.92 4.10
N HIS A 135 -29.90 -30.69 4.24
CA HIS A 135 -29.56 -31.69 3.23
C HIS A 135 -28.42 -32.57 3.72
N PRO A 136 -28.21 -33.71 3.06
CA PRO A 136 -27.12 -34.60 3.49
C PRO A 136 -25.73 -34.05 3.16
N LEU A 137 -24.75 -34.38 4.00
CA LEU A 137 -23.40 -33.95 3.74
C LEU A 137 -22.98 -34.66 2.44
N PRO A 138 -21.91 -34.20 1.79
CA PRO A 138 -21.05 -33.07 2.13
C PRO A 138 -21.72 -31.70 2.05
N LEU A 139 -21.03 -30.71 2.59
CA LEU A 139 -21.51 -29.34 2.55
C LEU A 139 -21.49 -28.95 1.10
N ARG A 140 -22.39 -28.07 0.70
CA ARG A 140 -22.46 -27.60 -0.67
C ARG A 140 -22.10 -26.11 -0.65
N LEU A 141 -23.00 -25.25 -1.11
CA LEU A 141 -22.70 -23.83 -1.08
C LEU A 141 -23.17 -23.31 0.26
N ASP A 142 -22.61 -23.90 1.32
CA ASP A 142 -22.92 -23.55 2.69
C ASP A 142 -21.77 -23.92 3.61
N ALA A 143 -21.89 -23.57 4.89
CA ALA A 143 -20.83 -23.82 5.85
C ALA A 143 -21.35 -24.06 7.25
N ILE A 144 -20.53 -24.70 8.07
CA ILE A 144 -20.91 -24.98 9.45
C ILE A 144 -19.74 -24.68 10.36
N THR A 145 -20.04 -24.03 11.47
CA THR A 145 -19.01 -23.72 12.45
C THR A 145 -19.37 -24.48 13.71
N GLY A 146 -18.36 -25.08 14.32
CA GLY A 146 -18.56 -25.84 15.53
C GLY A 146 -17.22 -26.11 16.18
N PRO A 147 -17.21 -26.45 17.48
CA PRO A 147 -16.00 -26.74 18.25
C PRO A 147 -15.14 -27.82 17.60
N GLU A 148 -13.83 -27.65 17.64
CA GLU A 148 -12.91 -28.64 17.07
C GLU A 148 -13.10 -29.90 17.93
N GLU A 149 -12.65 -31.05 17.44
CA GLU A 149 -12.80 -32.30 18.18
C GLU A 149 -12.42 -32.11 19.64
N GLU A 150 -11.28 -31.48 19.86
CA GLU A 150 -10.77 -31.24 21.20
C GLU A 150 -9.89 -29.99 21.21
N GLY A 151 -10.23 -29.06 22.10
CA GLY A 151 -9.50 -27.82 22.21
C GLY A 151 -10.42 -26.65 22.52
N GLY A 152 -11.68 -26.77 22.09
CA GLY A 152 -12.65 -25.71 22.33
C GLY A 152 -12.70 -24.62 21.28
N ARG A 153 -11.69 -24.55 20.41
CA ARG A 153 -11.66 -23.54 19.34
C ARG A 153 -12.68 -23.84 18.23
N LEU A 154 -13.34 -22.81 17.73
CA LEU A 154 -14.32 -23.02 16.68
C LEU A 154 -13.70 -23.16 15.30
N GLU A 155 -14.04 -24.24 14.60
CA GLU A 155 -13.54 -24.40 13.25
C GLU A 155 -14.69 -24.23 12.28
N THR A 156 -14.41 -23.64 11.12
CA THR A 156 -15.46 -23.43 10.13
C THR A 156 -15.12 -24.23 8.88
N ILE A 157 -16.11 -24.95 8.36
CA ILE A 157 -15.88 -25.73 7.15
C ILE A 157 -16.75 -25.19 6.04
N LEU A 158 -16.12 -24.82 4.94
CA LEU A 158 -16.85 -24.29 3.79
C LEU A 158 -17.02 -25.35 2.74
N GLY A 159 -18.27 -25.62 2.35
CA GLY A 159 -18.50 -26.61 1.32
C GLY A 159 -17.70 -26.15 0.13
N TRP A 160 -17.10 -27.08 -0.60
CA TRP A 160 -16.30 -26.70 -1.75
C TRP A 160 -17.02 -25.70 -2.65
N PRO A 161 -18.33 -25.89 -2.89
CA PRO A 161 -19.01 -24.93 -3.76
C PRO A 161 -18.88 -23.48 -3.26
N LEU A 162 -18.88 -23.31 -1.94
CA LEU A 162 -18.77 -21.99 -1.32
C LEU A 162 -17.32 -21.54 -1.39
N ALA A 163 -16.45 -22.45 -0.98
CA ALA A 163 -15.01 -22.17 -0.96
C ALA A 163 -14.53 -21.66 -2.30
N GLU A 164 -15.03 -22.26 -3.38
CA GLU A 164 -14.61 -21.87 -4.72
C GLU A 164 -15.13 -20.49 -5.12
N ARG A 165 -15.99 -19.92 -4.27
CA ARG A 165 -16.57 -18.60 -4.47
C ARG A 165 -15.85 -17.55 -3.61
N THR A 166 -14.88 -17.99 -2.81
CA THR A 166 -14.17 -17.06 -1.95
C THR A 166 -13.09 -16.26 -2.67
N VAL A 167 -12.68 -15.18 -2.02
CA VAL A 167 -11.57 -14.36 -2.47
C VAL A 167 -10.66 -14.49 -1.26
N VAL A 168 -9.43 -14.96 -1.46
CA VAL A 168 -8.53 -15.14 -0.34
C VAL A 168 -7.27 -14.29 -0.51
N ILE A 169 -6.87 -13.65 0.57
CA ILE A 169 -5.69 -12.81 0.52
C ILE A 169 -4.76 -13.18 1.66
N PRO A 170 -3.50 -12.76 1.58
CA PRO A 170 -2.56 -13.10 2.65
C PRO A 170 -2.92 -12.41 3.97
N SER A 171 -2.50 -13.02 5.07
CA SER A 171 -2.73 -12.41 6.38
C SER A 171 -1.44 -11.67 6.66
N ALA A 172 -1.49 -10.72 7.58
CA ALA A 172 -0.29 -9.96 7.94
C ALA A 172 0.32 -10.68 9.15
N ILE A 173 -0.33 -11.75 9.58
CA ILE A 173 0.16 -12.55 10.70
C ILE A 173 1.18 -13.52 10.13
N PRO A 174 2.46 -13.36 10.49
CA PRO A 174 3.49 -14.26 9.96
C PRO A 174 3.71 -15.55 10.71
N THR A 175 4.19 -16.55 9.98
CA THR A 175 4.52 -17.83 10.57
C THR A 175 6.01 -17.63 10.88
N ASP A 176 6.53 -18.38 11.85
CA ASP A 176 7.92 -18.22 12.22
C ASP A 176 8.85 -19.29 11.65
N PRO A 177 9.72 -18.91 10.71
CA PRO A 177 10.64 -19.88 10.10
C PRO A 177 11.66 -20.45 11.08
N ARG A 178 11.74 -19.87 12.27
CA ARG A 178 12.66 -20.33 13.30
C ARG A 178 11.92 -21.29 14.22
N ASN A 179 10.59 -21.23 14.19
CA ASN A 179 9.77 -22.06 15.06
C ASN A 179 8.64 -22.80 14.35
N VAL A 180 9.01 -23.68 13.43
CA VAL A 180 8.01 -24.44 12.69
C VAL A 180 7.34 -25.38 13.68
N GLY A 181 6.02 -25.55 13.55
CA GLY A 181 5.31 -26.42 14.46
C GLY A 181 4.89 -25.72 15.75
N GLY A 182 5.60 -24.66 16.12
CA GLY A 182 5.27 -23.94 17.34
C GLY A 182 3.89 -23.30 17.30
N ASP A 183 3.38 -22.91 18.46
CA ASP A 183 2.07 -22.26 18.53
C ASP A 183 2.17 -20.80 18.12
N LEU A 184 1.05 -20.25 17.67
CA LEU A 184 1.03 -18.86 17.26
C LEU A 184 1.33 -17.95 18.43
N ASP A 185 2.26 -17.02 18.21
CA ASP A 185 2.64 -16.04 19.21
C ASP A 185 1.64 -14.90 19.04
N PRO A 186 0.63 -14.84 19.90
CA PRO A 186 -0.39 -13.78 19.80
C PRO A 186 0.17 -12.37 19.67
N SER A 187 1.38 -12.15 20.14
CA SER A 187 1.99 -10.84 20.05
C SER A 187 2.51 -10.55 18.65
N SER A 188 2.41 -11.55 17.77
CA SER A 188 2.86 -11.38 16.40
C SER A 188 1.67 -10.97 15.54
N ILE A 189 0.50 -10.90 16.15
CA ILE A 189 -0.73 -10.47 15.46
C ILE A 189 -0.82 -8.96 15.46
N PRO A 190 -0.71 -8.32 14.28
CA PRO A 190 -0.79 -6.86 14.20
C PRO A 190 -2.14 -6.36 14.73
N ASP A 191 -2.14 -5.34 15.58
CA ASP A 191 -3.40 -4.80 16.10
C ASP A 191 -4.30 -4.42 14.94
N LYS A 192 -3.70 -3.85 13.89
CA LYS A 192 -4.47 -3.44 12.72
C LYS A 192 -5.18 -4.60 12.03
N GLU A 193 -4.67 -5.82 12.18
CA GLU A 193 -5.33 -6.96 11.55
C GLU A 193 -6.43 -7.47 12.47
N GLN A 194 -6.17 -7.45 13.77
CA GLN A 194 -7.13 -7.89 14.76
C GLN A 194 -8.39 -7.02 14.65
N ALA A 195 -8.17 -5.75 14.28
CA ALA A 195 -9.24 -4.78 14.15
C ALA A 195 -10.21 -5.06 13.03
N ILE A 196 -9.74 -5.70 11.97
CA ILE A 196 -10.62 -6.00 10.85
C ILE A 196 -11.00 -7.47 10.86
N SER A 197 -10.96 -8.10 12.02
CA SER A 197 -11.27 -9.52 12.07
C SER A 197 -12.58 -10.00 12.68
N ALA A 198 -13.56 -9.11 12.80
CA ALA A 198 -14.86 -9.50 13.34
C ALA A 198 -15.51 -10.45 12.34
N LEU A 199 -16.27 -11.41 12.83
CA LEU A 199 -16.94 -12.37 11.94
C LEU A 199 -18.43 -12.06 11.80
N PRO A 200 -19.05 -12.60 10.75
CA PRO A 200 -20.48 -12.36 10.53
C PRO A 200 -21.24 -13.24 11.52
N ASP A 201 -22.51 -12.94 11.71
CA ASP A 201 -23.34 -13.72 12.63
C ASP A 201 -23.86 -14.92 11.87
N TYR A 202 -23.75 -16.10 12.47
CA TYR A 202 -24.23 -17.29 11.79
C TYR A 202 -25.58 -17.73 12.33
N ALA A 203 -26.24 -18.63 11.61
CA ALA A 203 -27.55 -19.13 12.01
C ALA A 203 -27.40 -20.40 12.84
N SER A 204 -28.20 -20.53 13.88
CA SER A 204 -28.14 -21.69 14.76
C SER A 204 -29.53 -22.24 15.05
N GLU B 1 9.98 32.04 -22.30
CA GLU B 1 10.76 31.53 -21.13
C GLU B 1 10.51 32.40 -19.89
N PHE B 2 10.28 31.75 -18.75
CA PHE B 2 10.03 32.47 -17.50
C PHE B 2 11.28 32.58 -16.62
N LEU B 3 12.46 32.44 -17.20
CA LEU B 3 13.68 32.51 -16.41
C LEU B 3 14.18 33.95 -16.18
N GLY B 4 13.56 34.91 -16.85
CA GLY B 4 13.95 36.30 -16.69
C GLY B 4 15.26 36.64 -17.36
N ASP B 5 15.76 37.83 -17.06
CA ASP B 5 17.02 38.29 -17.62
C ASP B 5 18.16 37.88 -16.73
N GLY B 6 19.26 37.59 -17.41
CA GLY B 6 20.48 37.11 -16.80
C GLY B 6 20.94 36.14 -17.88
N GLY B 7 22.17 35.65 -17.83
CA GLY B 7 22.61 34.74 -18.88
C GLY B 7 22.11 33.32 -18.75
N ASP B 8 22.72 32.49 -19.59
CA ASP B 8 22.43 31.08 -19.67
C ASP B 8 22.44 30.44 -18.30
N VAL B 9 21.29 29.92 -17.90
CA VAL B 9 21.20 29.27 -16.61
C VAL B 9 21.77 27.87 -16.75
N SER B 10 22.72 27.52 -15.90
CA SER B 10 23.33 26.21 -15.99
C SER B 10 23.47 25.57 -14.61
N PHE B 11 22.93 24.37 -14.44
CA PHE B 11 23.04 23.69 -13.16
C PHE B 11 24.42 23.04 -13.02
N SER B 12 24.96 23.06 -11.81
CA SER B 12 26.28 22.46 -11.57
C SER B 12 26.49 22.23 -10.09
N THR B 13 27.46 21.38 -9.77
CA THR B 13 27.76 21.09 -8.38
C THR B 13 28.21 22.35 -7.66
N ARG B 14 28.66 23.34 -8.42
CA ARG B 14 29.15 24.60 -7.86
C ARG B 14 28.05 25.64 -7.69
N GLY B 15 26.80 25.25 -7.95
CA GLY B 15 25.73 26.22 -7.82
C GLY B 15 25.12 26.52 -9.18
N THR B 16 23.85 26.91 -9.19
CA THR B 16 23.18 27.20 -10.44
C THR B 16 23.78 28.48 -11.02
N GLN B 17 24.36 28.37 -12.22
CA GLN B 17 24.99 29.52 -12.87
C GLN B 17 24.00 30.54 -13.44
N ASN B 18 24.29 31.82 -13.21
CA ASN B 18 23.46 32.92 -13.67
C ASN B 18 22.08 32.94 -13.03
N TRP B 19 22.01 32.47 -11.79
CA TRP B 19 20.75 32.47 -11.07
C TRP B 19 21.04 33.14 -9.73
N THR B 20 20.33 34.23 -9.47
CA THR B 20 20.49 34.98 -8.23
C THR B 20 19.10 35.17 -7.65
N VAL B 21 19.02 35.55 -6.38
CA VAL B 21 17.71 35.74 -5.77
C VAL B 21 16.97 36.83 -6.53
N GLU B 22 17.71 37.79 -7.08
CA GLU B 22 17.15 38.89 -7.85
C GLU B 22 16.47 38.40 -9.12
N ARG B 23 17.13 37.51 -9.85
CA ARG B 23 16.56 36.99 -11.07
C ARG B 23 15.37 36.13 -10.70
N LEU B 24 15.50 35.42 -9.60
CA LEU B 24 14.42 34.58 -9.10
C LEU B 24 13.18 35.42 -8.82
N LEU B 25 13.35 36.58 -8.20
CA LEU B 25 12.22 37.45 -7.89
C LEU B 25 11.53 37.99 -9.13
N GLN B 26 12.31 38.27 -10.17
CA GLN B 26 11.77 38.76 -11.44
C GLN B 26 10.99 37.66 -12.13
N ALA B 27 11.56 36.45 -12.16
CA ALA B 27 10.90 35.33 -12.79
C ALA B 27 9.60 35.01 -12.02
N HIS B 28 9.64 35.16 -10.70
CA HIS B 28 8.47 34.90 -9.88
C HIS B 28 7.37 35.90 -10.24
N ARG B 29 7.74 37.18 -10.32
CA ARG B 29 6.79 38.23 -10.66
C ARG B 29 6.13 37.96 -12.01
N GLN B 30 6.95 37.63 -13.00
CA GLN B 30 6.47 37.32 -14.35
C GLN B 30 5.50 36.14 -14.32
N LEU B 31 5.85 35.11 -13.54
CA LEU B 31 5.00 33.92 -13.42
C LEU B 31 3.63 34.24 -12.85
N GLU B 32 3.60 34.94 -11.73
CA GLU B 32 2.33 35.30 -11.09
C GLU B 32 1.51 36.20 -12.00
N GLU B 33 2.19 37.08 -12.72
CA GLU B 33 1.51 38.00 -13.62
C GLU B 33 0.87 37.25 -14.78
N ARG B 34 1.37 36.05 -15.04
CA ARG B 34 0.83 35.27 -16.14
C ARG B 34 -0.16 34.21 -15.67
N GLY B 35 -0.56 34.30 -14.41
CA GLY B 35 -1.53 33.36 -13.89
C GLY B 35 -0.98 32.07 -13.30
N TYR B 36 0.31 32.07 -12.97
CA TYR B 36 0.95 30.90 -12.38
C TYR B 36 1.16 31.10 -10.88
N VAL B 37 1.03 30.01 -10.13
CA VAL B 37 1.20 30.04 -8.69
C VAL B 37 2.18 28.98 -8.20
N PHE B 38 3.02 29.36 -7.23
CA PHE B 38 4.00 28.47 -6.65
C PHE B 38 3.29 27.40 -5.82
N VAL B 39 3.72 26.15 -5.95
CA VAL B 39 3.11 25.06 -5.19
C VAL B 39 4.13 24.17 -4.49
N GLY B 40 5.40 24.56 -4.52
CA GLY B 40 6.38 23.74 -3.83
C GLY B 40 7.73 23.56 -4.48
N TYR B 41 8.62 22.93 -3.74
CA TYR B 41 9.99 22.67 -4.19
C TYR B 41 10.16 21.23 -4.66
N HIS B 42 11.07 21.06 -5.62
CA HIS B 42 11.37 19.74 -6.14
C HIS B 42 12.89 19.61 -6.13
N GLY B 43 13.38 18.61 -5.42
CA GLY B 43 14.81 18.35 -5.36
C GLY B 43 15.15 17.20 -6.28
N THR B 44 16.17 17.37 -7.11
CA THR B 44 16.56 16.31 -8.01
C THR B 44 18.02 16.46 -8.42
N PHE B 45 18.54 15.54 -9.22
CA PHE B 45 19.93 15.67 -9.63
C PHE B 45 20.07 16.70 -10.76
N LEU B 46 21.27 17.25 -10.88
CA LEU B 46 21.58 18.28 -11.88
C LEU B 46 20.94 18.17 -13.25
N GLU B 47 21.17 17.05 -13.93
CA GLU B 47 20.64 16.85 -15.27
C GLU B 47 19.11 16.82 -15.35
N ALA B 48 18.46 16.25 -14.33
CA ALA B 48 17.00 16.22 -14.31
C ALA B 48 16.50 17.64 -14.09
N ALA B 49 17.24 18.43 -13.31
CA ALA B 49 16.84 19.81 -13.05
C ALA B 49 16.93 20.61 -14.35
N GLN B 50 18.03 20.41 -15.06
CA GLN B 50 18.27 21.09 -16.33
C GLN B 50 17.16 20.77 -17.32
N SER B 51 16.84 19.48 -17.44
CA SER B 51 15.79 19.03 -18.34
C SER B 51 14.41 19.56 -17.96
N ILE B 52 14.08 19.49 -16.67
CA ILE B 52 12.81 19.97 -16.17
C ILE B 52 12.59 21.46 -16.45
N VAL B 53 13.61 22.24 -16.12
CA VAL B 53 13.55 23.68 -16.30
C VAL B 53 13.47 24.13 -17.76
N PHE B 54 14.31 23.57 -18.63
CA PHE B 54 14.30 23.97 -20.02
C PHE B 54 13.43 23.17 -20.98
N GLY B 55 13.15 21.92 -20.63
CA GLY B 55 12.32 21.09 -21.50
C GLY B 55 10.95 20.85 -20.92
N GLY B 56 10.83 21.03 -19.61
CA GLY B 56 9.55 20.82 -18.94
C GLY B 56 9.48 19.45 -18.32
N VAL B 57 8.58 19.28 -17.36
CA VAL B 57 8.41 17.99 -16.71
C VAL B 57 7.79 17.03 -17.71
N ARG B 58 8.20 15.77 -17.65
CA ARG B 58 7.67 14.73 -18.53
C ARG B 58 7.85 13.35 -17.90
N ALA B 59 6.73 12.67 -17.65
CA ALA B 59 6.77 11.34 -17.07
C ALA B 59 7.59 10.47 -18.02
N ARG B 60 8.52 9.68 -17.48
CA ARG B 60 9.34 8.84 -18.34
C ARG B 60 9.34 7.38 -17.91
N ILE B 67 0.75 3.03 -8.21
CA ILE B 67 -0.44 3.77 -7.84
C ILE B 67 -0.15 5.22 -7.41
N TRP B 68 0.95 5.43 -6.72
CA TRP B 68 1.32 6.76 -6.24
C TRP B 68 2.33 7.49 -7.13
N ARG B 69 2.42 7.08 -8.38
CA ARG B 69 3.38 7.71 -9.27
C ARG B 69 2.94 9.11 -9.68
N GLY B 70 3.92 10.00 -9.76
CA GLY B 70 3.64 11.37 -10.14
C GLY B 70 4.87 12.21 -9.88
N PHE B 71 4.70 13.52 -9.93
CA PHE B 71 5.80 14.43 -9.70
C PHE B 71 5.73 14.83 -8.22
N TYR B 72 6.77 14.49 -7.47
CA TYR B 72 6.80 14.78 -6.04
C TYR B 72 7.48 16.09 -5.67
N ILE B 73 6.76 16.94 -4.94
CA ILE B 73 7.31 18.22 -4.48
C ILE B 73 6.95 18.43 -3.02
N ALA B 74 7.40 19.56 -2.45
CA ALA B 74 7.12 19.85 -1.05
C ALA B 74 7.13 21.35 -0.73
N GLY B 75 6.14 21.79 0.06
CA GLY B 75 6.06 23.18 0.43
C GLY B 75 7.32 23.57 1.21
N ASP B 76 7.78 22.65 2.05
CA ASP B 76 8.97 22.83 2.88
C ASP B 76 10.19 22.41 2.06
N PRO B 77 11.13 23.34 1.80
CA PRO B 77 12.33 23.04 1.02
C PRO B 77 13.24 21.98 1.62
N ALA B 78 13.22 21.86 2.95
CA ALA B 78 14.06 20.88 3.63
C ALA B 78 13.71 19.46 3.21
N LEU B 79 12.44 19.21 2.90
CA LEU B 79 12.03 17.88 2.48
C LEU B 79 12.50 17.59 1.06
N ALA B 80 12.28 18.55 0.15
CA ALA B 80 12.68 18.38 -1.24
C ALA B 80 14.21 18.29 -1.35
N TYR B 81 14.89 18.99 -0.46
CA TYR B 81 16.35 19.03 -0.45
C TYR B 81 16.97 17.64 -0.27
N GLY B 82 16.31 16.80 0.51
CA GLY B 82 16.84 15.47 0.75
C GLY B 82 17.00 14.68 -0.54
N TYR B 83 16.28 15.10 -1.56
CA TYR B 83 16.32 14.42 -2.85
C TYR B 83 17.15 15.17 -3.88
N ALA B 84 17.68 16.33 -3.50
CA ALA B 84 18.49 17.10 -4.44
C ALA B 84 19.92 16.59 -4.55
N GLN B 85 20.07 15.36 -5.06
CA GLN B 85 21.37 14.74 -5.21
C GLN B 85 21.25 13.48 -6.07
N ASP B 86 22.38 12.95 -6.52
CA ASP B 86 22.39 11.74 -7.33
C ASP B 86 21.84 10.63 -6.44
N GLN B 87 21.21 9.64 -7.03
CA GLN B 87 20.66 8.53 -6.27
C GLN B 87 21.59 7.34 -6.24
N GLU B 88 22.56 7.35 -7.14
CA GLU B 88 23.55 6.28 -7.25
C GLU B 88 24.92 6.91 -7.50
N PRO B 89 25.98 6.26 -7.01
CA PRO B 89 27.30 6.85 -7.26
C PRO B 89 27.79 6.46 -8.66
N ASP B 90 28.84 7.12 -9.13
CA ASP B 90 29.37 6.74 -10.44
C ASP B 90 30.33 5.58 -10.16
N ALA B 91 31.10 5.18 -11.15
CA ALA B 91 32.03 4.06 -10.98
C ALA B 91 33.08 4.31 -9.90
N ARG B 92 33.32 5.58 -9.58
CA ARG B 92 34.32 5.95 -8.58
C ARG B 92 33.79 6.20 -7.18
N GLY B 93 32.49 6.01 -7.00
CA GLY B 93 31.91 6.22 -5.68
C GLY B 93 31.42 7.64 -5.42
N ARG B 94 31.40 8.47 -6.44
CA ARG B 94 30.97 9.85 -6.27
C ARG B 94 29.46 10.07 -6.38
N ILE B 95 28.92 10.83 -5.43
CA ILE B 95 27.50 11.19 -5.41
C ILE B 95 27.47 12.72 -5.37
N ARG B 96 27.05 13.33 -6.47
CA ARG B 96 27.02 14.79 -6.59
C ARG B 96 25.80 15.42 -5.93
N ASN B 97 25.93 16.68 -5.54
CA ASN B 97 24.82 17.40 -4.94
C ASN B 97 23.96 17.77 -6.15
N GLY B 98 22.66 17.96 -5.92
CA GLY B 98 21.78 18.30 -7.03
C GLY B 98 21.36 19.75 -7.00
N ALA B 99 20.07 19.97 -7.17
CA ALA B 99 19.53 21.33 -7.16
C ALA B 99 18.09 21.31 -6.74
N LEU B 100 17.64 22.43 -6.18
CA LEU B 100 16.26 22.56 -5.77
C LEU B 100 15.58 23.40 -6.85
N LEU B 101 14.34 23.05 -7.18
CA LEU B 101 13.56 23.78 -8.19
C LEU B 101 12.28 24.30 -7.55
N ARG B 102 11.70 25.34 -8.13
CA ARG B 102 10.45 25.92 -7.65
C ARG B 102 9.42 25.52 -8.71
N VAL B 103 8.34 24.89 -8.28
CA VAL B 103 7.30 24.42 -9.19
C VAL B 103 6.08 25.32 -9.21
N TYR B 104 5.66 25.72 -10.40
CA TYR B 104 4.47 26.56 -10.57
C TYR B 104 3.45 25.88 -11.48
N VAL B 105 2.17 26.12 -11.19
CA VAL B 105 1.11 25.57 -12.00
C VAL B 105 0.19 26.71 -12.38
N PRO B 106 -0.54 26.56 -13.49
CA PRO B 106 -1.46 27.61 -13.93
C PRO B 106 -2.52 27.68 -12.84
N ARG B 107 -3.01 28.86 -12.52
CA ARG B 107 -4.03 28.94 -11.48
C ARG B 107 -5.27 28.12 -11.84
N SER B 108 -5.51 27.98 -13.15
CA SER B 108 -6.67 27.23 -13.62
C SER B 108 -6.58 25.75 -13.24
N SER B 109 -5.40 25.32 -12.80
CA SER B 109 -5.17 23.93 -12.39
C SER B 109 -5.46 23.66 -10.91
N LEU B 110 -5.57 24.71 -10.11
CA LEU B 110 -5.81 24.58 -8.67
C LEU B 110 -7.04 23.79 -8.22
N PRO B 111 -8.09 23.73 -9.06
CA PRO B 111 -9.26 22.96 -8.61
C PRO B 111 -8.93 21.48 -8.34
N GLY B 112 -7.85 21.00 -8.95
CA GLY B 112 -7.47 19.61 -8.78
C GLY B 112 -6.60 19.30 -7.59
N PHE B 113 -6.24 20.33 -6.83
CA PHE B 113 -5.39 20.16 -5.66
C PHE B 113 -6.21 19.86 -4.42
N TYR B 114 -5.87 18.75 -3.78
CA TYR B 114 -6.55 18.31 -2.56
C TYR B 114 -5.50 18.06 -1.48
N ARG B 115 -5.92 18.19 -0.22
CA ARG B 115 -5.04 17.93 0.90
C ARG B 115 -5.78 17.01 1.86
N THR B 116 -5.04 16.09 2.46
CA THR B 116 -5.60 15.13 3.39
C THR B 116 -4.71 14.98 4.61
N SER B 117 -5.30 14.57 5.71
CA SER B 117 -4.58 14.35 6.96
C SER B 117 -3.88 13.01 6.91
N LEU B 118 -4.35 12.12 6.03
CA LEU B 118 -3.74 10.80 5.91
C LEU B 118 -2.39 10.80 5.18
N THR B 119 -1.57 9.82 5.50
CA THR B 119 -0.24 9.67 4.92
C THR B 119 -0.28 9.20 3.46
N LEU B 120 0.33 9.97 2.57
CA LEU B 120 0.34 9.64 1.16
C LEU B 120 1.04 8.36 0.73
N ALA B 121 2.36 8.42 0.58
CA ALA B 121 3.15 7.26 0.14
C ALA B 121 2.95 5.97 0.92
N ALA B 122 1.70 5.50 1.01
CA ALA B 122 1.42 4.27 1.75
C ALA B 122 -0.04 3.85 1.59
N PRO B 123 -0.31 2.54 1.67
CA PRO B 123 -1.67 2.02 1.53
C PRO B 123 -2.52 2.62 2.66
N GLU B 124 -3.72 2.08 2.85
CA GLU B 124 -4.59 2.58 3.93
C GLU B 124 -5.15 3.97 3.59
N ALA B 125 -4.36 4.80 2.91
CA ALA B 125 -4.79 6.14 2.53
C ALA B 125 -5.27 6.19 1.09
N ALA B 126 -4.91 5.17 0.32
CA ALA B 126 -5.29 5.08 -1.08
C ALA B 126 -6.79 5.24 -1.30
N GLY B 127 -7.60 4.46 -0.59
CA GLY B 127 -9.03 4.57 -0.74
C GLY B 127 -9.55 5.97 -0.45
N GLU B 128 -8.99 6.60 0.57
CA GLU B 128 -9.38 7.95 0.97
C GLU B 128 -9.02 8.97 -0.09
N VAL B 129 -7.82 8.85 -0.65
CA VAL B 129 -7.38 9.78 -1.67
C VAL B 129 -8.26 9.67 -2.91
N GLU B 130 -8.56 8.44 -3.31
CA GLU B 130 -9.38 8.18 -4.48
C GLU B 130 -10.77 8.80 -4.34
N ARG B 131 -11.34 8.71 -3.14
CA ARG B 131 -12.66 9.30 -2.89
C ARG B 131 -12.49 10.81 -3.05
N LEU B 132 -11.39 11.31 -2.48
CA LEU B 132 -11.09 12.73 -2.52
C LEU B 132 -10.94 13.25 -3.95
N ILE B 133 -10.16 12.54 -4.76
CA ILE B 133 -9.93 12.99 -6.14
C ILE B 133 -10.98 12.50 -7.15
N GLY B 134 -11.93 11.72 -6.65
CA GLY B 134 -13.02 11.23 -7.47
C GLY B 134 -12.72 10.26 -8.60
N HIS B 135 -11.67 9.46 -8.44
CA HIS B 135 -11.31 8.45 -9.43
C HIS B 135 -10.19 7.62 -8.87
N PRO B 136 -9.96 6.44 -9.44
CA PRO B 136 -8.88 5.60 -8.92
C PRO B 136 -7.52 6.21 -9.24
N LEU B 137 -6.56 5.96 -8.37
CA LEU B 137 -5.21 6.45 -8.59
C LEU B 137 -4.68 5.63 -9.78
N PRO B 138 -3.55 6.04 -10.38
CA PRO B 138 -2.74 7.21 -10.06
C PRO B 138 -3.43 8.55 -10.30
N LEU B 139 -2.81 9.60 -9.77
CA LEU B 139 -3.34 10.94 -9.93
C LEU B 139 -3.28 11.31 -11.41
N ARG B 140 -4.23 12.12 -11.84
CA ARG B 140 -4.28 12.57 -13.23
C ARG B 140 -3.96 14.06 -13.27
N LEU B 141 -4.88 14.89 -13.76
CA LEU B 141 -4.59 16.31 -13.78
C LEU B 141 -5.05 16.87 -12.44
N ASP B 142 -4.47 16.34 -11.37
CA ASP B 142 -4.81 16.75 -10.03
C ASP B 142 -3.67 16.42 -9.07
N ALA B 143 -3.77 16.89 -7.83
CA ALA B 143 -2.72 16.64 -6.86
C ALA B 143 -3.23 16.43 -5.45
N ILE B 144 -2.42 15.78 -4.63
CA ILE B 144 -2.79 15.53 -3.25
C ILE B 144 -1.63 15.92 -2.37
N THR B 145 -1.95 16.57 -1.26
CA THR B 145 -0.93 17.00 -0.32
C THR B 145 -1.29 16.39 1.02
N GLY B 146 -0.30 15.73 1.62
CA GLY B 146 -0.50 15.09 2.91
C GLY B 146 0.83 14.74 3.55
N PRO B 147 0.81 14.31 4.82
CA PRO B 147 2.03 13.94 5.55
C PRO B 147 2.76 12.76 4.94
N GLU B 148 4.08 12.77 5.04
CA GLU B 148 4.92 11.69 4.55
C GLU B 148 4.97 10.71 5.73
N GLU B 149 5.19 9.43 5.46
CA GLU B 149 5.25 8.44 6.54
C GLU B 149 6.23 8.76 7.66
N GLU B 150 7.51 8.86 7.33
CA GLU B 150 8.50 9.17 8.37
C GLU B 150 8.85 10.64 8.36
N GLY B 151 8.24 11.39 9.27
CA GLY B 151 8.53 12.81 9.36
C GLY B 151 7.32 13.67 9.64
N GLY B 152 6.18 13.32 9.05
CA GLY B 152 4.99 14.11 9.27
C GLY B 152 5.01 15.39 8.46
N ARG B 153 6.07 15.60 7.69
CA ARG B 153 6.18 16.78 6.85
C ARG B 153 5.30 16.61 5.61
N LEU B 154 4.58 17.66 5.26
CA LEU B 154 3.69 17.63 4.11
C LEU B 154 4.39 17.56 2.76
N GLU B 155 3.98 16.60 1.95
CA GLU B 155 4.54 16.47 0.60
C GLU B 155 3.40 16.53 -0.39
N THR B 156 3.69 16.98 -1.60
CA THR B 156 2.66 17.10 -2.62
C THR B 156 3.03 16.27 -3.84
N ILE B 157 2.06 15.54 -4.36
CA ILE B 157 2.30 14.73 -5.53
C ILE B 157 1.42 15.27 -6.64
N LEU B 158 2.05 15.64 -7.75
CA LEU B 158 1.29 16.15 -8.88
C LEU B 158 1.11 14.99 -9.84
N GLY B 159 -0.14 14.73 -10.24
CA GLY B 159 -0.36 13.67 -11.20
C GLY B 159 0.48 14.07 -12.39
N TRP B 160 1.02 13.12 -13.12
CA TRP B 160 1.85 13.48 -14.26
C TRP B 160 1.15 14.42 -15.24
N PRO B 161 -0.15 14.23 -15.48
CA PRO B 161 -0.82 15.15 -16.41
C PRO B 161 -0.67 16.61 -15.95
N LEU B 162 -0.71 16.81 -14.63
CA LEU B 162 -0.59 18.13 -14.02
C LEU B 162 0.85 18.59 -14.03
N ALA B 163 1.75 17.71 -13.61
CA ALA B 163 3.17 18.03 -13.58
C ALA B 163 3.65 18.51 -14.94
N GLU B 164 3.16 17.86 -15.99
CA GLU B 164 3.56 18.21 -17.34
C GLU B 164 2.99 19.55 -17.80
N ARG B 165 2.21 20.19 -16.94
CA ARG B 165 1.59 21.48 -17.24
C ARG B 165 2.28 22.58 -16.41
N THR B 166 3.26 22.18 -15.62
CA THR B 166 3.97 23.11 -14.77
C THR B 166 5.04 23.90 -15.51
N VAL B 167 5.45 24.99 -14.88
CA VAL B 167 6.54 25.81 -15.36
C VAL B 167 7.47 25.72 -14.16
N VAL B 168 8.69 25.28 -14.38
CA VAL B 168 9.63 25.12 -13.28
C VAL B 168 10.85 26.02 -13.46
N ILE B 169 11.31 26.58 -12.35
CA ILE B 169 12.49 27.44 -12.39
C ILE B 169 13.41 27.07 -11.25
N PRO B 170 14.68 27.49 -11.33
CA PRO B 170 15.63 27.15 -10.27
C PRO B 170 15.33 27.87 -8.98
N SER B 171 15.63 27.21 -7.87
CA SER B 171 15.44 27.84 -6.56
C SER B 171 16.74 28.59 -6.30
N ALA B 172 16.68 29.62 -5.46
CA ALA B 172 17.88 30.38 -5.13
C ALA B 172 18.54 29.70 -3.93
N ILE B 173 17.89 28.64 -3.42
CA ILE B 173 18.43 27.89 -2.29
C ILE B 173 19.44 26.91 -2.89
N PRO B 174 20.71 26.98 -2.47
CA PRO B 174 21.70 26.06 -3.02
C PRO B 174 21.90 24.77 -2.23
N THR B 175 22.40 23.76 -2.92
CA THR B 175 22.71 22.50 -2.26
C THR B 175 24.20 22.65 -1.94
N ASP B 176 24.68 21.93 -0.93
CA ASP B 176 26.09 22.04 -0.56
C ASP B 176 26.94 20.97 -1.23
N PRO B 177 27.83 21.39 -2.14
CA PRO B 177 28.72 20.48 -2.86
C PRO B 177 29.72 19.83 -1.91
N ARG B 178 29.93 20.46 -0.76
CA ARG B 178 30.86 19.94 0.23
C ARG B 178 30.12 19.21 1.33
N ASN B 179 28.80 19.10 1.21
CA ASN B 179 28.01 18.41 2.23
C ASN B 179 26.87 17.61 1.61
N VAL B 180 27.20 16.80 0.61
CA VAL B 180 26.21 15.98 -0.07
C VAL B 180 25.63 15.02 0.98
N GLY B 181 24.33 14.83 0.97
CA GLY B 181 23.70 13.95 1.93
C GLY B 181 23.28 14.67 3.20
N GLY B 182 23.91 15.80 3.49
CA GLY B 182 23.57 16.56 4.68
C GLY B 182 22.20 17.18 4.59
N ASP B 183 21.67 17.65 5.71
CA ASP B 183 20.36 18.27 5.72
C ASP B 183 20.49 19.73 5.29
N LEU B 184 19.38 20.30 4.83
CA LEU B 184 19.35 21.69 4.39
C LEU B 184 19.67 22.66 5.50
N ASP B 185 20.69 23.48 5.29
CA ASP B 185 21.07 24.49 6.28
C ASP B 185 20.02 25.59 6.12
N PRO B 186 19.16 25.76 7.13
CA PRO B 186 18.12 26.80 7.07
C PRO B 186 18.63 28.20 6.77
N SER B 187 19.80 28.54 7.29
CA SER B 187 20.37 29.85 7.07
C SER B 187 20.86 30.05 5.65
N SER B 188 20.80 29.01 4.84
CA SER B 188 21.24 29.12 3.45
C SER B 188 20.05 29.49 2.54
N ILE B 189 18.86 29.59 3.12
CA ILE B 189 17.66 29.96 2.36
C ILE B 189 17.54 31.48 2.28
N PRO B 190 17.58 32.06 1.06
CA PRO B 190 17.48 33.51 0.93
C PRO B 190 16.13 33.93 1.48
N ASP B 191 16.11 34.88 2.42
CA ASP B 191 14.84 35.31 2.99
C ASP B 191 13.87 35.82 1.92
N LYS B 192 14.40 36.41 0.85
CA LYS B 192 13.54 36.89 -0.22
C LYS B 192 12.87 35.73 -0.95
N GLU B 193 13.52 34.57 -0.97
CA GLU B 193 12.88 33.44 -1.62
C GLU B 193 11.79 32.92 -0.68
N GLN B 194 12.07 32.94 0.63
CA GLN B 194 11.12 32.50 1.64
C GLN B 194 9.89 33.41 1.57
N ALA B 195 10.16 34.66 1.23
CA ALA B 195 9.12 35.68 1.13
C ALA B 195 8.11 35.36 0.03
N ILE B 196 8.56 34.72 -1.04
CA ILE B 196 7.64 34.41 -2.14
C ILE B 196 7.19 32.96 -2.14
N SER B 197 7.32 32.28 -1.00
CA SER B 197 6.95 30.88 -1.00
C SER B 197 5.67 30.44 -0.30
N ALA B 198 4.72 31.34 -0.14
CA ALA B 198 3.43 30.99 0.46
C ALA B 198 2.72 30.08 -0.54
N LEU B 199 2.02 29.08 -0.02
CA LEU B 199 1.30 28.11 -0.85
C LEU B 199 -0.19 28.42 -0.95
N PRO B 200 -0.85 27.94 -2.02
CA PRO B 200 -2.29 28.18 -2.20
C PRO B 200 -3.10 27.34 -1.21
N ASP B 201 -4.35 27.73 -0.98
CA ASP B 201 -5.24 26.98 -0.09
C ASP B 201 -5.81 25.79 -0.85
N TYR B 202 -5.67 24.58 -0.31
CA TYR B 202 -6.16 23.40 -0.99
C TYR B 202 -7.56 22.97 -0.52
N ALA B 203 -8.10 21.92 -1.15
CA ALA B 203 -9.43 21.42 -0.81
C ALA B 203 -9.40 20.17 0.06
N SER B 204 -10.44 20.02 0.86
CA SER B 204 -10.58 18.88 1.76
C SER B 204 -11.76 18.01 1.30
CAA P34 C . -3.34 -30.66 8.11
N P34 C . -2.83 -31.29 6.87
CAB P34 C . -2.47 -30.27 5.87
CA P34 C . -3.84 -32.27 6.30
C P34 C . -5.37 -31.90 6.29
O P34 C . -6.15 -32.74 5.81
NAM P34 C . -5.96 -30.69 6.79
CAP P34 C . -5.83 -29.30 6.78
CAK P34 C . -6.66 -28.65 7.83
CAU P34 C . -6.69 -27.18 8.04
CAT P34 C . -7.52 -26.48 9.07
CAI P34 C . -8.37 -27.18 10.02
CAF P34 C . -9.16 -26.46 11.02
CAE P34 C . -9.09 -25.05 11.11
CAH P34 C . -8.26 -24.32 10.20
CAS P34 C . -7.46 -25.01 9.20
CAQ P34 C . -6.65 -24.27 8.29
OAD P34 C . -6.54 -23.04 8.32
NAN P34 C . -5.85 -24.97 7.30
CAR P34 C . -5.87 -26.39 7.16
CAJ P34 C . -5.05 -27.00 6.12
CAG P34 C . -5.03 -28.45 5.95
CAA P34 D . 14.21 9.50 -6.34
N P34 D . 14.38 8.04 -6.36
CAB P34 D . 15.16 7.62 -7.55
CA P34 D . 13.03 7.34 -6.36
C P34 D . 11.80 8.02 -5.66
O P34 D . 10.71 7.39 -5.67
NAM P34 D . 11.79 9.29 -4.99
CAP P34 D . 12.00 10.65 -5.22
CAK P34 D . 11.15 11.52 -4.35
CAU P34 D . 11.20 13.01 -4.41
CAT P34 D . 10.36 13.93 -3.56
CAI P34 D . 9.39 13.48 -2.57
CAF P34 D . 8.61 14.42 -1.78
CAE P34 D . 8.76 15.81 -1.95
CAH P34 D . 9.71 16.31 -2.90
CAS P34 D . 10.52 15.40 -3.71
CAQ P34 D . 11.45 15.91 -4.65
OAD P34 D . 11.64 17.11 -4.83
NAN P34 D . 12.24 15.01 -5.45
CAR P34 D . 12.13 13.58 -5.34
CAJ P34 D . 12.98 12.76 -6.21
CAG P34 D . 12.91 11.31 -6.13
#